data_7NRG
#
_entry.id   7NRG
#
_cell.length_a   57.878
_cell.length_b   57.878
_cell.length_c   159.100
_cell.angle_alpha   90.000
_cell.angle_beta   90.000
_cell.angle_gamma   120.000
#
_symmetry.space_group_name_H-M   'P 32 2 1'
#
loop_
_entity.id
_entity.type
_entity.pdbx_description
1 polymer 'Chaperone protein IpgC'
2 non-polymer 'CHLORIDE ION'
3 non-polymer 'DIMETHYL SULFOXIDE'
4 non-polymer (1R)-2-amino-1-(4-fluorophenyl)ethanol
5 non-polymer DI(HYDROXYETHYL)ETHER
6 non-polymer 'MAGNESIUM ION'
7 non-polymer 'TRIETHYLENE GLYCOL'
8 water water
#
_entity_poly.entity_id   1
_entity_poly.type   'polypeptide(L)'
_entity_poly.pdbx_seq_one_letter_code
;GSISTAVIDAINSGATLKDINAIPDDMMDDIYSYAYDFYNKGRIEEAEVFFRFLCIYDFYNVDYIMGLAAIYQIKEQFQQ
AADLYAVAFALGKNDYTPVFHTGQCQLRLKAPLKAKECFELVIQHSNDEKLKIKAQSYLDAIQ
;
_entity_poly.pdbx_strand_id   A,B
#
loop_
_chem_comp.id
_chem_comp.type
_chem_comp.name
_chem_comp.formula
CL non-polymer 'CHLORIDE ION' 'Cl -1'
DMS non-polymer 'DIMETHYL SULFOXIDE' 'C2 H6 O S'
MG non-polymer 'MAGNESIUM ION' 'Mg 2'
PEG non-polymer DI(HYDROXYETHYL)ETHER 'C4 H10 O3'
PGE non-polymer 'TRIETHYLENE GLYCOL' 'C6 H14 O4'
UQB non-polymer (1R)-2-amino-1-(4-fluorophenyl)ethanol 'C8 H10 F N O'
#
# COMPACT_ATOMS: atom_id res chain seq x y z
N VAL A 7 18.60 -18.83 2.29
CA VAL A 7 17.20 -18.71 1.92
C VAL A 7 16.30 -19.10 3.10
N ILE A 8 16.56 -20.29 3.66
CA ILE A 8 15.79 -20.72 4.83
C ILE A 8 15.78 -19.62 5.88
N ASP A 9 16.94 -19.02 6.15
CA ASP A 9 17.02 -17.95 7.14
C ASP A 9 16.10 -16.78 6.78
N ALA A 10 15.98 -16.47 5.49
CA ALA A 10 15.09 -15.38 5.09
C ALA A 10 13.63 -15.81 5.22
N ILE A 11 13.34 -17.08 4.95
CA ILE A 11 11.98 -17.60 5.18
C ILE A 11 11.62 -17.49 6.65
N ASN A 12 12.55 -17.82 7.56
CA ASN A 12 12.27 -17.78 8.99
C ASN A 12 12.29 -16.37 9.55
N SER A 13 13.17 -15.50 9.04
CA SER A 13 13.28 -14.14 9.54
C SER A 13 12.38 -13.15 8.79
N GLY A 14 11.55 -13.63 7.86
CA GLY A 14 10.66 -12.78 7.10
C GLY A 14 11.32 -11.86 6.09
N ALA A 15 12.62 -11.99 5.84
CA ALA A 15 13.36 -11.08 4.98
C ALA A 15 13.21 -11.48 3.51
N THR A 16 13.66 -10.58 2.62
CA THR A 16 13.56 -10.88 1.19
C THR A 16 14.83 -11.57 0.70
N LEU A 17 14.68 -12.25 -0.44
CA LEU A 17 15.84 -12.82 -1.11
C LEU A 17 16.76 -11.70 -1.61
N LYS A 18 16.19 -10.56 -2.01
CA LYS A 18 17.01 -9.42 -2.39
C LYS A 18 17.87 -8.97 -1.23
N ASP A 19 17.33 -9.00 0.00
CA ASP A 19 18.06 -8.55 1.18
C ASP A 19 19.36 -9.31 1.36
N ILE A 20 19.39 -10.59 0.97
CA ILE A 20 20.57 -11.43 1.12
C ILE A 20 21.33 -11.61 -0.19
N ASN A 21 21.05 -10.78 -1.20
CA ASN A 21 21.79 -10.83 -2.46
C ASN A 21 21.83 -12.25 -3.03
N ALA A 22 20.66 -12.88 -3.08
CA ALA A 22 20.62 -14.28 -3.50
C ALA A 22 20.84 -14.47 -5.00
N ILE A 23 20.56 -13.45 -5.82
CA ILE A 23 20.79 -13.43 -7.26
C ILE A 23 21.43 -12.09 -7.58
N PRO A 24 22.46 -12.01 -8.45
CA PRO A 24 23.07 -10.70 -8.69
C PRO A 24 22.10 -9.71 -9.33
N ASP A 25 22.34 -8.43 -9.08
CA ASP A 25 21.40 -7.39 -9.49
C ASP A 25 21.21 -7.34 -11.00
N ASP A 26 22.29 -7.48 -11.77
CA ASP A 26 22.13 -7.38 -13.22
C ASP A 26 21.32 -8.54 -13.76
N MET A 27 21.42 -9.71 -13.12
CA MET A 27 20.58 -10.83 -13.52
C MET A 27 19.11 -10.56 -13.21
N MET A 28 18.82 -9.95 -12.06
CA MET A 28 17.43 -9.62 -11.78
C MET A 28 16.88 -8.62 -12.80
N ASP A 29 17.71 -7.64 -13.21
CA ASP A 29 17.30 -6.72 -14.26
C ASP A 29 16.91 -7.48 -15.52
N ASP A 30 17.74 -8.45 -15.91
CA ASP A 30 17.45 -9.21 -17.10
C ASP A 30 16.13 -9.96 -16.95
N ILE A 31 15.89 -10.58 -15.79
CA ILE A 31 14.65 -11.31 -15.57
C ILE A 31 13.44 -10.37 -15.66
N TYR A 32 13.56 -9.17 -15.08
CA TYR A 32 12.48 -8.21 -15.21
C TYR A 32 12.24 -7.84 -16.68
N SER A 33 13.32 -7.65 -17.44
N SER A 33 13.32 -7.63 -17.44
CA SER A 33 13.16 -7.32 -18.85
CA SER A 33 13.18 -7.33 -18.86
C SER A 33 12.52 -8.47 -19.62
C SER A 33 12.49 -8.47 -19.60
N TYR A 34 12.86 -9.71 -19.29
CA TYR A 34 12.23 -10.85 -19.96
C TYR A 34 10.75 -10.95 -19.57
N ALA A 35 10.43 -10.68 -18.29
CA ALA A 35 9.03 -10.68 -17.86
C ALA A 35 8.23 -9.66 -18.65
N TYR A 36 8.82 -8.47 -18.83
CA TYR A 36 8.16 -7.45 -19.63
C TYR A 36 8.04 -7.87 -21.10
N ASP A 37 9.06 -8.52 -21.67
CA ASP A 37 8.95 -9.05 -23.02
C ASP A 37 7.76 -10.01 -23.13
N PHE A 38 7.64 -10.96 -22.22
CA PHE A 38 6.52 -11.89 -22.29
C PHE A 38 5.19 -11.13 -22.22
N TYR A 39 5.10 -10.15 -21.32
CA TYR A 39 3.90 -9.33 -21.18
C TYR A 39 3.54 -8.65 -22.49
N ASN A 40 4.51 -7.97 -23.09
CA ASN A 40 4.25 -7.23 -24.33
C ASN A 40 3.88 -8.12 -25.50
N LYS A 41 4.35 -9.37 -25.49
CA LYS A 41 4.04 -10.35 -26.53
C LYS A 41 2.74 -11.09 -26.27
N GLY A 42 2.06 -10.82 -25.16
CA GLY A 42 0.82 -11.52 -24.91
C GLY A 42 1.02 -12.91 -24.37
N ARG A 43 2.24 -13.23 -23.94
CA ARG A 43 2.55 -14.51 -23.33
C ARG A 43 2.27 -14.39 -21.84
N ILE A 44 0.97 -14.36 -21.52
CA ILE A 44 0.54 -13.96 -20.19
C ILE A 44 0.89 -15.02 -19.14
N GLU A 45 0.74 -16.30 -19.49
N GLU A 45 0.75 -16.30 -19.49
CA GLU A 45 1.08 -17.36 -18.55
CA GLU A 45 1.08 -17.34 -18.51
C GLU A 45 2.53 -17.25 -18.11
C GLU A 45 2.54 -17.28 -18.10
N GLU A 46 3.44 -17.07 -19.06
CA GLU A 46 4.86 -16.96 -18.74
C GLU A 46 5.15 -15.66 -18.00
N ALA A 47 4.55 -14.54 -18.43
CA ALA A 47 4.72 -13.31 -17.70
C ALA A 47 4.27 -13.44 -16.25
N GLU A 48 3.16 -14.13 -16.03
CA GLU A 48 2.68 -14.35 -14.68
C GLU A 48 3.69 -15.13 -13.85
N VAL A 49 4.24 -16.23 -14.40
CA VAL A 49 5.29 -16.94 -13.67
C VAL A 49 6.45 -16.02 -13.33
N PHE A 50 6.91 -15.24 -14.32
CA PHE A 50 8.09 -14.41 -14.10
C PHE A 50 7.82 -13.29 -13.11
N PHE A 51 6.63 -12.67 -13.16
CA PHE A 51 6.35 -11.61 -12.19
C PHE A 51 6.09 -12.19 -10.79
N ARG A 52 5.50 -13.39 -10.70
CA ARG A 52 5.41 -14.02 -9.38
C ARG A 52 6.80 -14.31 -8.82
N PHE A 53 7.70 -14.83 -9.66
CA PHE A 53 9.09 -15.08 -9.26
C PHE A 53 9.73 -13.80 -8.73
N LEU A 54 9.58 -12.72 -9.48
CA LEU A 54 10.14 -11.43 -9.07
C LEU A 54 9.58 -10.96 -7.74
N CYS A 55 8.26 -11.08 -7.53
CA CYS A 55 7.68 -10.61 -6.28
C CYS A 55 8.07 -11.48 -5.09
N ILE A 56 8.35 -12.77 -5.32
CA ILE A 56 8.91 -13.61 -4.26
C ILE A 56 10.30 -13.15 -3.90
N TYR A 57 11.08 -12.80 -4.92
CA TYR A 57 12.46 -12.37 -4.72
C TYR A 57 12.50 -11.06 -3.94
N ASP A 58 11.66 -10.10 -4.29
CA ASP A 58 11.65 -8.80 -3.59
C ASP A 58 10.22 -8.28 -3.57
N PHE A 59 9.50 -8.61 -2.50
CA PHE A 59 8.12 -8.17 -2.36
C PHE A 59 8.01 -6.66 -2.19
N TYR A 60 9.11 -5.94 -1.94
CA TYR A 60 9.02 -4.50 -1.74
C TYR A 60 9.39 -3.69 -2.98
N ASN A 61 9.45 -4.32 -4.14
CA ASN A 61 9.85 -3.65 -5.38
C ASN A 61 8.57 -3.24 -6.11
N VAL A 62 8.34 -1.92 -6.21
CA VAL A 62 7.07 -1.41 -6.73
C VAL A 62 6.85 -1.88 -8.16
N ASP A 63 7.89 -1.92 -8.97
CA ASP A 63 7.67 -2.29 -10.37
C ASP A 63 7.39 -3.78 -10.50
N TYR A 64 7.97 -4.60 -9.63
CA TYR A 64 7.64 -6.03 -9.66
C TYR A 64 6.18 -6.24 -9.29
N ILE A 65 5.72 -5.53 -8.25
N ILE A 65 5.74 -5.60 -8.21
CA ILE A 65 4.34 -5.63 -7.79
CA ILE A 65 4.35 -5.64 -7.79
C ILE A 65 3.37 -5.08 -8.82
C ILE A 65 3.44 -5.17 -8.92
N MET A 66 3.73 -3.99 -9.50
CA MET A 66 2.87 -3.45 -10.56
C MET A 66 2.72 -4.42 -11.73
N GLY A 67 3.80 -5.12 -12.07
CA GLY A 67 3.72 -6.08 -13.16
C GLY A 67 2.78 -7.20 -12.85
N LEU A 68 2.87 -7.75 -11.64
CA LEU A 68 1.96 -8.82 -11.27
C LEU A 68 0.52 -8.31 -11.18
N ALA A 69 0.33 -7.10 -10.65
CA ALA A 69 -1.02 -6.54 -10.58
C ALA A 69 -1.61 -6.39 -11.97
N ALA A 70 -0.79 -5.93 -12.93
CA ALA A 70 -1.26 -5.77 -14.30
C ALA A 70 -1.70 -7.07 -14.90
N ILE A 71 -0.92 -8.14 -14.65
N ILE A 71 -0.94 -8.15 -14.64
CA ILE A 71 -1.31 -9.46 -15.13
CA ILE A 71 -1.34 -9.45 -15.16
C ILE A 71 -2.64 -9.88 -14.52
C ILE A 71 -2.65 -9.89 -14.53
N TYR A 72 -2.80 -9.68 -13.21
CA TYR A 72 -4.06 -10.04 -12.57
C TYR A 72 -5.23 -9.24 -13.18
N GLN A 73 -5.02 -7.96 -13.45
CA GLN A 73 -6.07 -7.14 -14.07
C GLN A 73 -6.44 -7.64 -15.46
N ILE A 74 -5.43 -7.96 -16.29
CA ILE A 74 -5.67 -8.52 -17.62
C ILE A 74 -6.48 -9.80 -17.54
N LYS A 75 -6.20 -10.63 -16.51
CA LYS A 75 -6.89 -11.90 -16.30
C LYS A 75 -8.24 -11.74 -15.63
N GLU A 76 -8.66 -10.50 -15.40
CA GLU A 76 -9.94 -10.15 -14.79
C GLU A 76 -10.01 -10.65 -13.35
N GLN A 77 -8.85 -10.76 -12.70
CA GLN A 77 -8.77 -10.94 -11.24
C GLN A 77 -8.66 -9.55 -10.60
N PHE A 78 -9.79 -8.82 -10.66
CA PHE A 78 -9.76 -7.39 -10.38
C PHE A 78 -9.51 -7.11 -8.92
N GLN A 79 -10.08 -7.91 -8.01
CA GLN A 79 -9.86 -7.64 -6.60
C GLN A 79 -8.42 -7.90 -6.22
N GLN A 80 -7.83 -9.01 -6.72
CA GLN A 80 -6.43 -9.31 -6.45
C GLN A 80 -5.53 -8.22 -7.01
N ALA A 81 -5.85 -7.71 -8.19
CA ALA A 81 -5.07 -6.60 -8.74
C ALA A 81 -5.17 -5.37 -7.85
N ALA A 82 -6.39 -5.02 -7.46
CA ALA A 82 -6.59 -3.83 -6.62
C ALA A 82 -5.83 -3.97 -5.30
N ASP A 83 -5.78 -5.18 -4.74
CA ASP A 83 -5.03 -5.43 -3.50
C ASP A 83 -3.55 -5.11 -3.71
N LEU A 84 -2.98 -5.60 -4.80
CA LEU A 84 -1.57 -5.34 -5.04
C LEU A 84 -1.34 -3.86 -5.35
N TYR A 85 -2.27 -3.20 -6.08
CA TYR A 85 -2.09 -1.78 -6.37
C TYR A 85 -2.01 -0.94 -5.12
N ALA A 86 -2.77 -1.31 -4.07
CA ALA A 86 -2.70 -0.54 -2.84
C ALA A 86 -1.31 -0.61 -2.22
N VAL A 87 -0.72 -1.80 -2.23
CA VAL A 87 0.64 -1.97 -1.75
C VAL A 87 1.61 -1.20 -2.63
N ALA A 88 1.45 -1.31 -3.95
CA ALA A 88 2.34 -0.58 -4.87
C ALA A 88 2.30 0.92 -4.62
N PHE A 89 1.11 1.48 -4.34
CA PHE A 89 1.06 2.90 -4.04
C PHE A 89 1.91 3.24 -2.84
N ALA A 90 1.82 2.43 -1.79
CA ALA A 90 2.55 2.69 -0.57
C ALA A 90 4.06 2.58 -0.78
N LEU A 91 4.52 1.67 -1.62
CA LEU A 91 5.94 1.46 -1.91
C LEU A 91 6.51 2.45 -2.92
N GLY A 92 5.68 3.26 -3.58
N GLY A 92 5.73 3.44 -3.33
CA GLY A 92 6.13 4.03 -4.72
CA GLY A 92 6.26 4.60 -4.03
C GLY A 92 6.65 5.40 -4.33
C GLY A 92 5.86 5.93 -3.40
N LYS A 93 7.03 6.16 -5.37
N LYS A 93 4.67 5.99 -2.79
CA LYS A 93 7.58 7.51 -5.23
CA LYS A 93 4.16 7.21 -2.20
C LYS A 93 6.54 8.51 -5.73
C LYS A 93 3.92 8.33 -3.22
N ASN A 94 5.53 8.76 -4.89
N ASN A 94 4.73 8.37 -4.28
CA ASN A 94 4.49 9.73 -5.18
CA ASN A 94 4.78 9.52 -5.19
C ASN A 94 3.76 9.40 -6.48
C ASN A 94 4.00 9.33 -6.48
N ASP A 95 3.61 8.10 -6.79
CA ASP A 95 3.10 7.68 -8.08
C ASP A 95 1.67 7.22 -7.95
N TYR A 96 0.76 7.94 -8.60
CA TYR A 96 -0.67 7.64 -8.51
C TYR A 96 -1.13 6.70 -9.61
N THR A 97 -0.21 6.17 -10.43
CA THR A 97 -0.60 5.18 -11.43
C THR A 97 -1.32 3.98 -10.82
N PRO A 98 -0.88 3.40 -9.70
CA PRO A 98 -1.65 2.27 -9.14
C PRO A 98 -3.05 2.67 -8.70
N VAL A 99 -3.27 3.91 -8.26
CA VAL A 99 -4.60 4.34 -7.88
C VAL A 99 -5.49 4.45 -9.13
N PHE A 100 -4.93 4.96 -10.23
CA PHE A 100 -5.63 4.98 -11.52
C PHE A 100 -6.09 3.59 -11.92
N HIS A 101 -5.20 2.61 -11.86
CA HIS A 101 -5.60 1.26 -12.28
C HIS A 101 -6.58 0.66 -11.28
N THR A 102 -6.45 1.02 -9.99
CA THR A 102 -7.47 0.59 -9.03
C THR A 102 -8.83 1.11 -9.43
N GLY A 103 -8.91 2.38 -9.90
CA GLY A 103 -10.20 2.89 -10.38
C GLY A 103 -10.79 2.04 -11.49
N GLN A 104 -9.95 1.62 -12.42
CA GLN A 104 -10.42 0.75 -13.50
C GLN A 104 -10.94 -0.56 -12.93
N CYS A 105 -10.19 -1.16 -12.00
CA CYS A 105 -10.62 -2.39 -11.34
C CYS A 105 -11.97 -2.21 -10.64
N GLN A 106 -12.16 -1.08 -9.95
CA GLN A 106 -13.42 -0.88 -9.24
C GLN A 106 -14.61 -0.78 -10.21
N LEU A 107 -14.42 -0.15 -11.38
CA LEU A 107 -15.49 -0.12 -12.36
C LEU A 107 -15.87 -1.52 -12.80
N ARG A 108 -14.87 -2.38 -13.02
CA ARG A 108 -15.13 -3.76 -13.43
C ARG A 108 -15.77 -4.56 -12.32
N LEU A 109 -15.51 -4.19 -11.05
CA LEU A 109 -16.17 -4.77 -9.89
C LEU A 109 -17.53 -4.15 -9.61
N LYS A 110 -18.05 -3.31 -10.51
CA LYS A 110 -19.36 -2.66 -10.35
C LYS A 110 -19.42 -1.82 -9.08
N ALA A 111 -18.32 -1.10 -8.81
CA ALA A 111 -18.21 -0.19 -7.67
C ALA A 111 -17.84 1.21 -8.17
N PRO A 112 -18.78 1.89 -8.85
CA PRO A 112 -18.42 3.14 -9.52
C PRO A 112 -18.14 4.30 -8.57
N LEU A 113 -18.72 4.30 -7.38
CA LEU A 113 -18.42 5.37 -6.43
C LEU A 113 -17.01 5.20 -5.90
N LYS A 114 -16.60 3.96 -5.61
CA LYS A 114 -15.20 3.72 -5.30
C LYS A 114 -14.31 4.10 -6.47
N ALA A 115 -14.71 3.77 -7.70
CA ALA A 115 -13.89 4.12 -8.85
C ALA A 115 -13.73 5.64 -8.93
N LYS A 116 -14.84 6.38 -8.78
CA LYS A 116 -14.77 7.83 -8.87
C LYS A 116 -13.79 8.41 -7.86
N GLU A 117 -13.82 7.88 -6.62
CA GLU A 117 -12.91 8.34 -5.58
C GLU A 117 -11.45 8.12 -5.98
N CYS A 118 -11.15 6.98 -6.60
CA CYS A 118 -9.79 6.74 -7.08
C CYS A 118 -9.38 7.78 -8.12
N PHE A 119 -10.20 7.99 -9.16
CA PHE A 119 -9.81 8.91 -10.21
C PHE A 119 -9.71 10.34 -9.68
N GLU A 120 -10.58 10.70 -8.74
CA GLU A 120 -10.50 12.01 -8.11
C GLU A 120 -9.20 12.16 -7.32
N LEU A 121 -8.77 11.10 -6.64
CA LEU A 121 -7.50 11.15 -5.92
C LEU A 121 -6.35 11.44 -6.88
N VAL A 122 -6.35 10.78 -8.04
CA VAL A 122 -5.30 11.02 -9.03
C VAL A 122 -5.28 12.49 -9.44
N ILE A 123 -6.44 13.03 -9.79
N ILE A 123 -6.43 13.02 -9.84
CA ILE A 123 -6.53 14.40 -10.30
CA ILE A 123 -6.53 14.41 -10.28
C ILE A 123 -6.14 15.41 -9.23
C ILE A 123 -5.98 15.34 -9.20
N GLN A 124 -6.41 15.11 -7.95
CA GLN A 124 -6.13 16.06 -6.88
C GLN A 124 -4.67 16.07 -6.46
N HIS A 125 -3.96 14.92 -6.56
CA HIS A 125 -2.65 14.81 -5.95
C HIS A 125 -1.51 14.47 -6.90
N SER A 126 -1.79 13.90 -8.07
CA SER A 126 -0.73 13.50 -8.98
C SER A 126 -0.13 14.73 -9.66
N ASN A 127 1.18 14.64 -9.93
CA ASN A 127 1.87 15.63 -10.76
C ASN A 127 2.13 15.10 -12.17
N ASP A 128 1.57 13.94 -12.50
CA ASP A 128 1.70 13.32 -13.82
C ASP A 128 0.55 13.79 -14.70
N GLU A 129 0.83 14.74 -15.60
CA GLU A 129 -0.25 15.36 -16.38
C GLU A 129 -0.92 14.36 -17.32
N LYS A 130 -0.14 13.46 -17.95
CA LYS A 130 -0.77 12.49 -18.85
C LYS A 130 -1.70 11.56 -18.07
N LEU A 131 -1.27 11.12 -16.89
CA LEU A 131 -2.11 10.29 -16.06
C LEU A 131 -3.39 11.01 -15.65
N LYS A 132 -3.28 12.29 -15.26
CA LYS A 132 -4.48 13.02 -14.86
C LYS A 132 -5.46 13.18 -16.02
N ILE A 133 -4.95 13.38 -17.24
CA ILE A 133 -5.82 13.46 -18.41
C ILE A 133 -6.62 12.17 -18.55
N LYS A 134 -5.96 11.03 -18.38
CA LYS A 134 -6.65 9.74 -18.45
C LYS A 134 -7.66 9.59 -17.34
N ALA A 135 -7.28 9.96 -16.13
CA ALA A 135 -8.21 9.88 -14.99
C ALA A 135 -9.44 10.74 -15.27
N GLN A 136 -9.23 11.94 -15.82
CA GLN A 136 -10.35 12.82 -16.12
C GLN A 136 -11.30 12.19 -17.13
N SER A 137 -10.75 11.53 -18.15
CA SER A 137 -11.59 10.86 -19.14
C SER A 137 -12.48 9.79 -18.51
N TYR A 138 -11.96 9.04 -17.55
CA TYR A 138 -12.81 8.09 -16.83
C TYR A 138 -13.89 8.83 -16.04
N LEU A 139 -13.51 9.88 -15.31
CA LEU A 139 -14.51 10.67 -14.58
C LEU A 139 -15.54 11.23 -15.53
N ASP A 140 -15.11 11.71 -16.71
CA ASP A 140 -16.07 12.24 -17.68
C ASP A 140 -17.13 11.21 -18.02
N ALA A 141 -16.74 9.93 -18.06
CA ALA A 141 -17.65 8.87 -18.46
C ALA A 141 -18.50 8.36 -17.30
N ILE A 142 -18.06 8.53 -16.07
CA ILE A 142 -18.75 7.96 -14.91
C ILE A 142 -19.99 8.79 -14.63
N GLN A 143 -21.13 8.12 -14.58
CA GLN A 143 -22.38 8.81 -14.30
C GLN A 143 -22.41 9.21 -12.83
N GLY B 1 6.60 -8.82 7.47
CA GLY B 1 5.64 -7.98 8.12
C GLY B 1 4.28 -8.02 7.46
N SER B 2 3.42 -7.06 7.81
N SER B 2 3.42 -7.05 7.81
CA SER B 2 2.06 -7.04 7.30
CA SER B 2 2.06 -7.04 7.29
C SER B 2 2.04 -6.91 5.78
C SER B 2 2.05 -6.92 5.78
N ILE B 3 2.95 -6.10 5.22
CA ILE B 3 2.97 -5.87 3.77
C ILE B 3 3.48 -7.12 3.07
N SER B 4 4.50 -7.76 3.62
CA SER B 4 4.99 -8.98 2.98
C SER B 4 3.92 -10.07 3.00
N THR B 5 3.16 -10.18 4.08
CA THR B 5 2.04 -11.13 4.11
C THR B 5 1.02 -10.80 3.03
N ALA B 6 0.68 -9.52 2.87
CA ALA B 6 -0.28 -9.16 1.82
C ALA B 6 0.23 -9.57 0.45
N VAL B 7 1.52 -9.35 0.18
CA VAL B 7 2.05 -9.66 -1.15
C VAL B 7 2.12 -11.17 -1.36
N ILE B 8 2.58 -11.92 -0.36
N ILE B 8 2.59 -11.92 -0.36
CA ILE B 8 2.63 -13.37 -0.50
CA ILE B 8 2.63 -13.37 -0.47
C ILE B 8 1.24 -13.93 -0.72
C ILE B 8 1.23 -13.92 -0.73
N ASP B 9 0.24 -13.41 0.01
CA ASP B 9 -1.14 -13.87 -0.19
C ASP B 9 -1.57 -13.65 -1.63
N ALA B 10 -1.18 -12.52 -2.23
CA ALA B 10 -1.58 -12.23 -3.59
C ALA B 10 -0.81 -13.06 -4.61
N ILE B 11 0.48 -13.29 -4.36
CA ILE B 11 1.27 -14.15 -5.24
C ILE B 11 0.67 -15.55 -5.28
N ASN B 12 0.39 -16.11 -4.11
CA ASN B 12 -0.07 -17.48 -4.04
C ASN B 12 -1.57 -17.57 -4.37
N ALA B 15 -6.81 -20.03 -1.24
CA ALA B 15 -7.59 -18.92 -0.70
C ALA B 15 -7.05 -18.53 0.67
N THR B 16 -7.43 -17.33 1.09
CA THR B 16 -7.05 -16.76 2.37
C THR B 16 -8.13 -16.96 3.43
N LEU B 17 -7.76 -16.70 4.68
CA LEU B 17 -8.74 -16.74 5.75
C LEU B 17 -9.90 -15.77 5.50
N LYS B 18 -9.61 -14.58 4.97
CA LYS B 18 -10.68 -13.62 4.72
C LYS B 18 -11.64 -14.13 3.65
N ASP B 19 -11.10 -14.77 2.61
CA ASP B 19 -11.92 -15.27 1.52
C ASP B 19 -12.97 -16.26 2.01
N ILE B 20 -12.70 -16.98 3.08
CA ILE B 20 -13.64 -17.97 3.61
C ILE B 20 -14.37 -17.45 4.83
N ASN B 21 -14.32 -16.14 5.10
CA ASN B 21 -15.03 -15.56 6.24
C ASN B 21 -14.71 -16.33 7.50
N ALA B 22 -13.41 -16.55 7.74
CA ALA B 22 -13.00 -17.43 8.82
C ALA B 22 -13.22 -16.82 10.19
N ILE B 23 -13.29 -15.48 10.30
CA ILE B 23 -13.53 -14.82 11.56
C ILE B 23 -14.66 -13.81 11.32
N PRO B 24 -15.78 -13.90 12.00
CA PRO B 24 -16.89 -12.97 11.73
C PRO B 24 -16.57 -11.56 12.17
N ASP B 25 -17.30 -10.61 11.58
CA ASP B 25 -17.04 -9.20 11.82
C ASP B 25 -17.14 -8.86 13.30
N ASP B 26 -18.09 -9.46 14.01
CA ASP B 26 -18.28 -9.09 15.41
C ASP B 26 -17.10 -9.53 16.28
N MET B 27 -16.49 -10.67 15.97
CA MET B 27 -15.28 -11.09 16.67
C MET B 27 -14.09 -10.20 16.33
N MET B 28 -13.94 -9.81 15.06
CA MET B 28 -12.85 -8.89 14.70
C MET B 28 -13.00 -7.55 15.43
N ASP B 29 -14.23 -7.03 15.52
CA ASP B 29 -14.48 -5.80 16.28
C ASP B 29 -14.01 -5.96 17.73
N ASP B 30 -14.30 -7.11 18.34
CA ASP B 30 -13.88 -7.34 19.71
C ASP B 30 -12.36 -7.36 19.83
N ILE B 31 -11.69 -8.06 18.91
CA ILE B 31 -10.22 -8.15 18.96
C ILE B 31 -9.59 -6.77 18.78
N TYR B 32 -10.15 -5.96 17.88
CA TYR B 32 -9.71 -4.57 17.73
C TYR B 32 -9.83 -3.78 19.03
N SER B 33 -10.97 -3.93 19.72
CA SER B 33 -11.12 -3.25 21.00
C SER B 33 -10.11 -3.75 22.01
N TYR B 34 -9.81 -5.07 22.00
CA TYR B 34 -8.85 -5.61 22.95
C TYR B 34 -7.46 -5.08 22.64
N ALA B 35 -7.13 -4.94 21.36
CA ALA B 35 -5.84 -4.37 21.00
C ALA B 35 -5.65 -2.97 21.56
N TYR B 36 -6.66 -2.11 21.43
CA TYR B 36 -6.53 -0.77 21.99
C TYR B 36 -6.50 -0.79 23.51
N ASP B 37 -7.22 -1.73 24.17
CA ASP B 37 -7.11 -1.87 25.61
C ASP B 37 -5.65 -2.10 26.03
N PHE B 38 -4.97 -3.04 25.37
CA PHE B 38 -3.54 -3.28 25.65
C PHE B 38 -2.76 -2.00 25.42
N TYR B 39 -2.99 -1.36 24.28
N TYR B 39 -3.01 -1.36 24.27
CA TYR B 39 -2.25 -0.15 23.97
CA TYR B 39 -2.31 -0.14 23.89
C TYR B 39 -2.47 0.91 25.04
C TYR B 39 -2.49 0.95 24.94
N ASN B 40 -3.73 1.15 25.39
CA ASN B 40 -4.06 2.23 26.32
C ASN B 40 -3.43 2.00 27.69
N LYS B 41 -3.16 0.75 28.03
CA LYS B 41 -2.52 0.38 29.29
C LYS B 41 -1.00 0.40 29.23
N GLY B 42 -0.42 0.71 28.09
CA GLY B 42 1.01 0.69 27.90
C GLY B 42 1.58 -0.65 27.49
N ARG B 43 0.72 -1.64 27.23
CA ARG B 43 1.12 -2.98 26.80
C ARG B 43 1.27 -2.97 25.26
N ILE B 44 2.28 -2.21 24.82
N ILE B 44 2.28 -2.24 24.81
CA ILE B 44 2.48 -1.99 23.38
CA ILE B 44 2.41 -1.98 23.38
C ILE B 44 2.74 -3.30 22.66
C ILE B 44 2.86 -3.22 22.59
N GLU B 45 3.61 -4.15 23.22
CA GLU B 45 4.00 -5.37 22.54
C GLU B 45 2.81 -6.28 22.28
N GLU B 46 1.92 -6.41 23.27
CA GLU B 46 0.69 -7.18 23.04
C GLU B 46 -0.24 -6.49 22.04
N ALA B 47 -0.34 -5.17 22.13
CA ALA B 47 -1.15 -4.45 21.15
C ALA B 47 -0.64 -4.69 19.75
N GLU B 48 0.70 -4.67 19.59
CA GLU B 48 1.30 -4.92 18.28
C GLU B 48 0.93 -6.31 17.76
N VAL B 49 1.01 -7.33 18.62
CA VAL B 49 0.61 -8.68 18.21
C VAL B 49 -0.83 -8.69 17.75
N PHE B 50 -1.72 -8.04 18.51
CA PHE B 50 -3.12 -8.06 18.12
C PHE B 50 -3.36 -7.32 16.81
N PHE B 51 -2.68 -6.18 16.59
CA PHE B 51 -2.86 -5.48 15.33
C PHE B 51 -2.21 -6.24 14.19
N ARG B 52 -1.09 -6.96 14.43
CA ARG B 52 -0.53 -7.79 13.37
C ARG B 52 -1.51 -8.89 13.01
N PHE B 53 -2.16 -9.50 14.02
CA PHE B 53 -3.17 -10.53 13.78
C PHE B 53 -4.31 -9.98 12.92
N LEU B 54 -4.84 -8.81 13.29
CA LEU B 54 -5.89 -8.19 12.51
C LEU B 54 -5.45 -7.93 11.07
N CYS B 55 -4.24 -7.44 10.88
CA CYS B 55 -3.73 -7.13 9.55
C CYS B 55 -3.36 -8.39 8.74
N ILE B 56 -3.14 -9.53 9.39
CA ILE B 56 -3.05 -10.79 8.65
C ILE B 56 -4.42 -11.21 8.14
N TYR B 57 -5.45 -11.11 8.99
CA TYR B 57 -6.78 -11.53 8.56
C TYR B 57 -7.35 -10.61 7.50
N ASP B 58 -7.29 -9.31 7.73
CA ASP B 58 -7.94 -8.33 6.86
C ASP B 58 -6.98 -7.13 6.74
N PHE B 59 -5.99 -7.27 5.86
CA PHE B 59 -4.98 -6.22 5.73
C PHE B 59 -5.55 -4.93 5.16
N TYR B 60 -6.59 -5.01 4.33
CA TYR B 60 -7.07 -3.85 3.58
C TYR B 60 -8.18 -3.15 4.34
N ASN B 61 -7.95 -2.99 5.63
CA ASN B 61 -8.86 -2.34 6.58
C ASN B 61 -8.15 -1.15 7.18
N VAL B 62 -8.62 0.06 6.90
N VAL B 62 -8.67 0.04 6.91
CA VAL B 62 -7.88 1.25 7.32
CA VAL B 62 -7.99 1.27 7.29
C VAL B 62 -7.74 1.34 8.83
C VAL B 62 -7.78 1.36 8.81
N ASP B 63 -8.73 0.86 9.61
CA ASP B 63 -8.59 0.98 11.06
C ASP B 63 -7.47 0.09 11.59
N TYR B 64 -7.32 -1.10 11.03
CA TYR B 64 -6.26 -1.99 11.48
C TYR B 64 -4.90 -1.44 11.07
N ILE B 65 -4.81 -0.94 9.82
N ILE B 65 -4.79 -1.01 9.81
CA ILE B 65 -3.56 -0.42 9.29
CA ILE B 65 -3.56 -0.41 9.32
C ILE B 65 -3.13 0.81 10.08
C ILE B 65 -3.16 0.73 10.22
N MET B 66 -4.08 1.69 10.43
CA MET B 66 -3.73 2.91 11.15
C MET B 66 -3.24 2.61 12.57
N GLY B 67 -3.86 1.62 13.24
CA GLY B 67 -3.40 1.27 14.58
C GLY B 67 -1.99 0.70 14.57
N LEU B 68 -1.71 -0.18 13.62
CA LEU B 68 -0.37 -0.74 13.54
C LEU B 68 0.66 0.30 13.15
N ALA B 69 0.30 1.21 12.23
CA ALA B 69 1.23 2.25 11.82
C ALA B 69 1.58 3.14 12.99
N ALA B 70 0.60 3.47 13.81
CA ALA B 70 0.86 4.28 15.02
C ALA B 70 1.80 3.58 15.96
N ILE B 71 1.62 2.28 16.13
CA ILE B 71 2.53 1.54 16.99
C ILE B 71 3.96 1.62 16.47
N TYR B 72 4.14 1.40 15.15
CA TYR B 72 5.48 1.49 14.60
C TYR B 72 6.07 2.89 14.77
N GLN B 73 5.26 3.93 14.60
CA GLN B 73 5.77 5.28 14.78
C GLN B 73 6.24 5.51 16.21
N ILE B 74 5.45 5.07 17.19
CA ILE B 74 5.86 5.19 18.59
C ILE B 74 7.15 4.45 18.87
N LYS B 75 7.33 3.29 18.24
CA LYS B 75 8.52 2.47 18.37
C LYS B 75 9.69 2.96 17.53
N GLU B 76 9.50 4.07 16.81
CA GLU B 76 10.54 4.68 15.98
C GLU B 76 10.95 3.79 14.82
N GLN B 77 10.03 2.94 14.35
CA GLN B 77 10.14 2.25 13.07
C GLN B 77 9.43 3.10 12.00
N PHE B 78 10.10 4.19 11.65
CA PHE B 78 9.44 5.27 10.91
C PHE B 78 9.13 4.86 9.48
N GLN B 79 9.99 4.08 8.83
CA GLN B 79 9.72 3.68 7.46
C GLN B 79 8.54 2.73 7.39
N GLN B 80 8.49 1.77 8.31
CA GLN B 80 7.37 0.85 8.34
C GLN B 80 6.07 1.58 8.60
N ALA B 81 6.11 2.57 9.50
CA ALA B 81 4.93 3.36 9.78
C ALA B 81 4.47 4.11 8.54
N ALA B 82 5.42 4.77 7.87
CA ALA B 82 5.11 5.57 6.68
C ALA B 82 4.48 4.70 5.59
N ASP B 83 5.03 3.50 5.39
CA ASP B 83 4.50 2.62 4.38
C ASP B 83 3.07 2.23 4.68
N LEU B 84 2.77 1.91 5.96
CA LEU B 84 1.41 1.56 6.32
C LEU B 84 0.47 2.77 6.23
N TYR B 85 0.93 3.95 6.64
CA TYR B 85 0.06 5.12 6.49
C TYR B 85 -0.34 5.31 5.04
N ALA B 86 0.60 5.12 4.11
CA ALA B 86 0.30 5.28 2.71
C ALA B 86 -0.71 4.25 2.23
N VAL B 87 -0.64 3.01 2.74
CA VAL B 87 -1.66 2.02 2.37
C VAL B 87 -3.03 2.52 2.80
N ALA B 88 -3.14 3.03 4.05
CA ALA B 88 -4.42 3.54 4.54
C ALA B 88 -4.95 4.65 3.65
N PHE B 89 -4.07 5.54 3.19
CA PHE B 89 -4.51 6.60 2.27
C PHE B 89 -5.03 6.01 0.95
N ALA B 90 -4.30 5.05 0.37
CA ALA B 90 -4.72 4.46 -0.91
C ALA B 90 -6.04 3.73 -0.77
N LEU B 91 -6.32 3.17 0.40
CA LEU B 91 -7.58 2.47 0.63
C LEU B 91 -8.74 3.43 0.85
N GLY B 92 -8.48 4.71 0.95
CA GLY B 92 -9.54 5.68 1.05
C GLY B 92 -9.84 6.16 2.45
N LYS B 93 -8.89 6.04 3.38
CA LYS B 93 -9.03 6.70 4.68
C LYS B 93 -9.58 8.10 4.46
N ASN B 94 -10.66 8.43 5.16
CA ASN B 94 -11.45 9.62 4.86
C ASN B 94 -10.87 10.88 5.47
N ASP B 95 -9.57 10.92 5.74
CA ASP B 95 -8.93 12.16 6.17
C ASP B 95 -7.44 12.12 5.82
N TYR B 96 -6.78 13.22 6.09
CA TYR B 96 -5.39 13.42 5.76
C TYR B 96 -4.45 13.11 6.91
N THR B 97 -4.95 12.55 8.01
CA THR B 97 -4.03 12.16 9.08
C THR B 97 -2.95 11.19 8.61
N PRO B 98 -3.19 10.23 7.72
CA PRO B 98 -2.06 9.41 7.28
C PRO B 98 -0.95 10.19 6.61
N VAL B 99 -1.30 11.25 5.87
CA VAL B 99 -0.30 12.08 5.22
C VAL B 99 0.46 12.89 6.26
N PHE B 100 -0.28 13.47 7.24
CA PHE B 100 0.34 14.23 8.33
C PHE B 100 1.34 13.36 9.09
N HIS B 101 0.93 12.16 9.49
CA HIS B 101 1.84 11.33 10.25
C HIS B 101 2.98 10.81 9.37
N THR B 102 2.72 10.56 8.08
CA THR B 102 3.85 10.25 7.18
C THR B 102 4.87 11.40 7.16
N GLY B 103 4.38 12.64 7.14
CA GLY B 103 5.30 13.77 7.20
C GLY B 103 6.17 13.74 8.43
N GLN B 104 5.57 13.42 9.58
CA GLN B 104 6.36 13.30 10.79
C GLN B 104 7.42 12.22 10.65
N CYS B 105 7.02 11.06 10.11
CA CYS B 105 7.96 9.95 9.90
C CYS B 105 9.10 10.38 8.97
N GLN B 106 8.78 11.07 7.89
CA GLN B 106 9.83 11.46 6.95
C GLN B 106 10.81 12.44 7.59
N LEU B 107 10.33 13.36 8.43
CA LEU B 107 11.25 14.26 9.12
C LEU B 107 12.22 13.47 10.02
N ARG B 108 11.70 12.47 10.74
CA ARG B 108 12.56 11.63 11.58
C ARG B 108 13.52 10.80 10.74
N LEU B 109 13.17 10.50 9.49
CA LEU B 109 14.05 9.80 8.57
C LEU B 109 15.03 10.74 7.84
N LYS B 110 15.13 12.01 8.26
CA LYS B 110 16.05 12.97 7.65
C LYS B 110 15.73 13.16 6.17
N ALA B 111 14.44 13.20 5.86
CA ALA B 111 13.95 13.48 4.50
C ALA B 111 13.03 14.69 4.59
N PRO B 112 13.58 15.88 4.84
CA PRO B 112 12.73 17.04 5.10
C PRO B 112 11.94 17.49 3.90
N LEU B 113 12.41 17.24 2.68
CA LEU B 113 11.64 17.64 1.51
C LEU B 113 10.43 16.76 1.32
N LYS B 114 10.57 15.44 1.52
CA LYS B 114 9.41 14.57 1.50
C LYS B 114 8.43 14.97 2.58
N ALA B 115 8.95 15.32 3.76
CA ALA B 115 8.06 15.75 4.83
C ALA B 115 7.31 17.00 4.43
N LYS B 116 8.00 17.97 3.81
CA LYS B 116 7.35 19.20 3.39
C LYS B 116 6.19 18.94 2.44
N GLU B 117 6.38 18.06 1.46
CA GLU B 117 5.32 17.74 0.51
C GLU B 117 4.11 17.17 1.22
N CYS B 118 4.35 16.30 2.20
CA CYS B 118 3.25 15.76 3.02
C CYS B 118 2.49 16.87 3.71
N PHE B 119 3.22 17.73 4.43
CA PHE B 119 2.52 18.78 5.17
C PHE B 119 1.84 19.77 4.24
N GLU B 120 2.44 20.09 3.09
CA GLU B 120 1.75 20.96 2.14
C GLU B 120 0.47 20.33 1.62
N LEU B 121 0.50 19.01 1.36
CA LEU B 121 -0.73 18.33 0.92
C LEU B 121 -1.83 18.48 1.97
N VAL B 122 -1.48 18.32 3.24
CA VAL B 122 -2.46 18.49 4.31
C VAL B 122 -3.07 19.88 4.26
N ILE B 123 -2.23 20.91 4.19
CA ILE B 123 -2.74 22.29 4.26
C ILE B 123 -3.62 22.59 3.05
N GLN B 124 -3.25 22.05 1.89
CA GLN B 124 -4.01 22.32 0.68
C GLN B 124 -5.35 21.58 0.65
N HIS B 125 -5.44 20.40 1.26
CA HIS B 125 -6.62 19.56 1.05
C HIS B 125 -7.44 19.22 2.28
N SER B 126 -6.88 19.29 3.48
CA SER B 126 -7.64 18.92 4.66
C SER B 126 -8.71 19.96 4.95
N ASN B 127 -9.85 19.50 5.47
CA ASN B 127 -10.85 20.41 6.02
C ASN B 127 -10.82 20.43 7.53
N ASP B 128 -9.78 19.86 8.12
CA ASP B 128 -9.56 19.86 9.56
C ASP B 128 -8.65 21.03 9.90
N GLU B 129 -9.24 22.11 10.47
CA GLU B 129 -8.47 23.33 10.70
C GLU B 129 -7.33 23.09 11.69
N LYS B 130 -7.57 22.25 12.70
CA LYS B 130 -6.53 21.97 13.70
C LYS B 130 -5.38 21.16 13.09
N LEU B 131 -5.70 20.19 12.22
CA LEU B 131 -4.65 19.43 11.55
C LEU B 131 -3.80 20.36 10.68
N LYS B 132 -4.44 21.32 10.03
CA LYS B 132 -3.70 22.26 9.18
C LYS B 132 -2.75 23.12 9.99
N ILE B 133 -3.16 23.61 11.18
CA ILE B 133 -2.23 24.36 12.01
C ILE B 133 -1.04 23.51 12.40
N LYS B 134 -1.28 22.24 12.76
CA LYS B 134 -0.19 21.35 13.13
C LYS B 134 0.77 21.19 11.96
N ALA B 135 0.23 20.96 10.76
CA ALA B 135 1.07 20.80 9.58
C ALA B 135 1.87 22.05 9.31
N GLN B 136 1.23 23.22 9.44
CA GLN B 136 1.92 24.49 9.20
C GLN B 136 3.06 24.69 10.20
N SER B 137 2.85 24.30 11.45
CA SER B 137 3.94 24.42 12.42
C SER B 137 5.17 23.61 12.00
N TYR B 138 4.96 22.42 11.43
CA TYR B 138 6.09 21.66 10.93
C TYR B 138 6.74 22.37 9.74
N LEU B 139 5.93 22.82 8.79
CA LEU B 139 6.47 23.56 7.65
C LEU B 139 7.30 24.75 8.10
N ASP B 140 6.84 25.46 9.14
CA ASP B 140 7.59 26.61 9.63
C ASP B 140 9.00 26.18 10.06
N ALA B 141 9.14 24.97 10.61
CA ALA B 141 10.44 24.52 11.09
C ALA B 141 11.32 23.92 10.00
N ILE B 142 10.73 23.43 8.92
CA ILE B 142 11.51 22.81 7.85
C ILE B 142 12.10 23.93 6.99
CL CL C . -19.37 1.94 -5.30
CL CL D . -9.64 -11.30 -7.96
CL CL E . -9.58 -3.41 -16.86
S DMS F . 3.23 -3.73 -16.07
O DMS F . 4.03 -2.84 -15.18
C1 DMS F . 2.38 -2.76 -17.36
C2 DMS F . 4.39 -4.71 -17.05
S DMS G . -3.59 -2.23 -16.95
O DMS G . -3.88 -3.65 -17.31
C1 DMS G . -1.93 -2.13 -16.21
C2 DMS G . -3.28 -1.28 -18.48
C4 UQB H . 1.80 9.43 2.37
C5 UQB H . 0.49 9.29 2.03
C6 UQB H . -0.04 9.77 0.87
C7 UQB H . 0.80 10.44 -0.01
F UQB H . -0.35 8.69 2.93
C3 UQB H . 2.63 10.09 1.48
C2 UQB H . 2.14 10.61 0.29
C1 UQB H . 3.07 11.34 -0.68
O UQB H . 2.59 11.20 -2.01
C UQB H . 3.11 12.81 -0.34
N UQB H . 4.25 13.47 -1.03
C1 PEG I . -1.78 4.50 -17.42
O1 PEG I . -2.15 4.22 -18.76
C2 PEG I . -0.50 5.27 -17.35
O2 PEG I . -0.64 6.47 -18.12
C3 PEG I . 0.30 7.45 -17.75
C4 PEG I . 0.51 8.40 -18.88
O4 PEG I . 0.99 7.73 -20.04
CL CL J . -8.17 15.70 7.37
MG MG K . -6.47 -10.83 1.35
C1 PGE L . -3.25 14.20 15.55
O1 PGE L . -2.08 14.98 15.71
C2 PGE L . -4.12 14.71 14.44
O2 PGE L . -4.55 16.04 14.73
C3 PGE L . -5.90 16.28 14.36
C4 PGE L . -6.25 17.71 14.61
O4 PGE L . -6.14 17.58 18.80
C6 PGE L . -7.20 18.22 18.12
C5 PGE L . -7.33 17.73 16.71
O3 PGE L . -6.13 17.99 16.00
#